data_8QLF
#
_entry.id   8QLF
#
_cell.length_a   53.382
_cell.length_b   53.382
_cell.length_c   364.842
_cell.angle_alpha   90.00
_cell.angle_beta   90.00
_cell.angle_gamma   120.00
#
_symmetry.space_group_name_H-M   'P 61 2 2'
#
loop_
_entity.id
_entity.type
_entity.pdbx_description
1 polymer 'Bacteriorhodopsin-like protein'
2 non-polymer EICOSANE
3 non-polymer 'OLEIC ACID'
4 water water
#
_entity_poly.entity_id   1
_entity_poly.type   'polypeptide(L)'
_entity_poly.pdbx_seq_one_letter_code
;MPSIENFLAYDFWQYDVIRHLFAFSTAVFLAGLVYFAMTARTTAPNYRLSANISAVVMVSAALELGQLWLLWNESFQWAE
LQGSFVPVAGERFSNGYRYMNWLIDVPMLATQLVVVCGFVGTELRNRWAKLTIAGVLMILTGYVGQYFEPAVAGVPGYEG
AEQFWIWGIISTAFFVWMLLILANAVRNPQGAPSDEVRSRLKFCFWFLLATWSIYPFAYAMPLFAPTADGVVVRQVIYTV
ADVSS(LYR)LVFGVILSQVALRRSAEEGFEPARVASGEFDERAPAR
;
_entity_poly.pdbx_strand_id   A
#
loop_
_chem_comp.id
_chem_comp.type
_chem_comp.name
_chem_comp.formula
LFA non-polymer EICOSANE 'C20 H42'
OLA non-polymer 'OLEIC ACID' 'C18 H34 O2'
#
# COMPACT_ATOMS: atom_id res chain seq x y z
N MET A 1 0.41 -21.78 2.99
CA MET A 1 0.39 -20.57 2.13
C MET A 1 1.80 -19.99 2.00
N PRO A 2 2.79 -20.77 1.52
CA PRO A 2 4.13 -20.25 1.31
C PRO A 2 4.18 -19.42 0.02
N SER A 3 4.76 -18.21 0.08
CA SER A 3 5.00 -17.36 -1.11
C SER A 3 6.29 -17.84 -1.81
N ILE A 4 6.48 -17.45 -3.08
CA ILE A 4 7.60 -17.95 -3.92
C ILE A 4 8.94 -17.72 -3.19
N GLU A 5 8.99 -16.71 -2.32
CA GLU A 5 10.25 -16.26 -1.64
C GLU A 5 10.81 -17.41 -0.79
N ASN A 6 9.95 -18.34 -0.36
CA ASN A 6 10.25 -19.42 0.62
C ASN A 6 11.01 -20.57 -0.04
N PHE A 7 11.04 -20.64 -1.37
CA PHE A 7 11.56 -21.82 -2.10
C PHE A 7 12.95 -21.51 -2.68
N LEU A 8 13.55 -20.39 -2.27
CA LEU A 8 14.82 -19.88 -2.84
C LEU A 8 15.86 -19.69 -1.74
N ALA A 9 17.13 -19.87 -2.10
CA ALA A 9 18.30 -19.49 -1.29
C ALA A 9 18.77 -18.11 -1.76
N TYR A 10 19.31 -17.30 -0.85
CA TYR A 10 19.75 -15.91 -1.10
C TYR A 10 21.22 -15.76 -0.70
N ASP A 11 22.04 -15.18 -1.58
CA ASP A 11 23.42 -14.76 -1.23
C ASP A 11 23.29 -13.59 -0.25
N PHE A 12 24.38 -13.18 0.39
CA PHE A 12 24.33 -12.15 1.46
C PHE A 12 23.71 -10.86 0.92
N TRP A 13 24.14 -10.41 -0.27
CA TRP A 13 23.69 -9.14 -0.90
C TRP A 13 22.16 -9.17 -1.11
N GLN A 14 21.65 -10.23 -1.75
CA GLN A 14 20.22 -10.40 -2.05
C GLN A 14 19.42 -10.32 -0.74
N TYR A 15 19.80 -11.15 0.24
CA TYR A 15 19.11 -11.24 1.55
C TYR A 15 19.19 -9.89 2.27
N ASP A 16 20.38 -9.27 2.25
CA ASP A 16 20.67 -8.03 3.01
C ASP A 16 19.94 -6.83 2.38
N VAL A 17 19.85 -6.76 1.06
CA VAL A 17 19.12 -5.70 0.32
C VAL A 17 17.65 -5.73 0.75
N ILE A 18 17.04 -6.92 0.72
CA ILE A 18 15.60 -7.10 1.02
C ILE A 18 15.35 -6.71 2.49
N ARG A 19 16.24 -7.14 3.38
CA ARG A 19 16.22 -6.78 4.83
C ARG A 19 16.20 -5.26 4.98
N HIS A 20 17.07 -4.55 4.24
CA HIS A 20 17.22 -3.06 4.31
C HIS A 20 15.97 -2.37 3.73
N LEU A 21 15.37 -2.93 2.69
CA LEU A 21 14.10 -2.40 2.09
C LEU A 21 13.03 -2.34 3.19
N PHE A 22 12.84 -3.43 3.94
CA PHE A 22 11.81 -3.53 5.00
C PHE A 22 12.12 -2.52 6.12
N ALA A 23 13.38 -2.45 6.56
CA ALA A 23 13.84 -1.58 7.67
C ALA A 23 13.72 -0.10 7.30
N PHE A 24 14.24 0.29 6.13
N PHE A 24 14.20 0.29 6.12
CA PHE A 24 14.20 1.67 5.58
CA PHE A 24 14.20 1.71 5.67
C PHE A 24 12.75 2.14 5.48
C PHE A 24 12.76 2.18 5.40
N SER A 25 11.88 1.28 4.95
CA SER A 25 10.43 1.58 4.77
C SER A 25 9.80 1.87 6.14
N THR A 26 10.01 0.98 7.11
CA THR A 26 9.53 1.13 8.51
C THR A 26 9.96 2.50 9.03
N ALA A 27 11.24 2.84 8.90
CA ALA A 27 11.84 4.10 9.39
C ALA A 27 11.17 5.31 8.73
N VAL A 28 11.00 5.26 7.40
CA VAL A 28 10.43 6.37 6.57
C VAL A 28 8.98 6.63 6.99
N PHE A 29 8.20 5.59 7.28
CA PHE A 29 6.78 5.72 7.69
C PHE A 29 6.70 6.38 9.08
N LEU A 30 7.57 5.97 9.99
CA LEU A 30 7.69 6.57 11.35
C LEU A 30 8.03 8.05 11.23
N ALA A 31 9.00 8.40 10.37
CA ALA A 31 9.39 9.80 10.07
C ALA A 31 8.19 10.56 9.51
N GLY A 32 7.43 9.92 8.60
CA GLY A 32 6.20 10.49 8.03
C GLY A 32 5.24 10.95 9.13
N LEU A 33 5.14 10.14 10.19
CA LEU A 33 4.29 10.43 11.38
C LEU A 33 4.56 11.86 11.86
N VAL A 34 5.82 12.26 11.98
CA VAL A 34 6.25 13.61 12.43
C VAL A 34 5.67 14.67 11.48
N TYR A 35 5.86 14.48 10.17
CA TYR A 35 5.39 15.45 9.13
C TYR A 35 3.88 15.66 9.27
N PHE A 36 3.10 14.58 9.38
CA PHE A 36 1.61 14.63 9.37
C PHE A 36 1.11 15.31 10.64
N ALA A 37 1.73 15.02 11.79
CA ALA A 37 1.44 15.67 13.09
C ALA A 37 1.58 17.20 12.93
N MET A 38 2.70 17.65 12.36
CA MET A 38 3.03 19.09 12.20
C MET A 38 2.04 19.75 11.22
N THR A 39 1.82 19.11 10.06
CA THR A 39 0.92 19.60 8.99
C THR A 39 -0.52 19.67 9.52
N ALA A 40 -0.93 18.75 10.38
CA ALA A 40 -2.31 18.71 10.93
C ALA A 40 -2.65 20.07 11.53
N ARG A 41 -1.71 20.67 12.28
CA ARG A 41 -1.90 21.93 13.05
C ARG A 41 -2.13 23.12 12.12
N THR A 42 -1.59 23.07 10.90
CA THR A 42 -1.66 24.18 9.90
C THR A 42 -2.82 23.92 8.94
N THR A 43 -3.54 22.81 9.10
CA THR A 43 -4.69 22.44 8.25
C THR A 43 -5.98 22.88 8.95
N ALA A 44 -6.94 23.43 8.18
CA ALA A 44 -8.28 23.82 8.67
C ALA A 44 -8.95 22.61 9.30
N PRO A 45 -9.77 22.82 10.37
CA PRO A 45 -10.44 21.70 11.04
C PRO A 45 -11.14 20.73 10.08
N ASN A 46 -11.77 21.25 9.02
CA ASN A 46 -12.65 20.46 8.12
C ASN A 46 -11.82 19.52 7.23
N TYR A 47 -10.50 19.74 7.11
CA TYR A 47 -9.59 18.92 6.28
C TYR A 47 -8.54 18.22 7.15
N ARG A 48 -8.49 18.56 8.43
CA ARG A 48 -7.46 18.03 9.38
C ARG A 48 -7.60 16.51 9.50
N LEU A 49 -8.80 15.97 9.37
CA LEU A 49 -9.05 14.50 9.44
C LEU A 49 -8.09 13.79 8.48
N SER A 50 -7.85 14.35 7.29
CA SER A 50 -7.01 13.69 6.24
C SER A 50 -5.59 13.47 6.76
N ALA A 51 -4.97 14.49 7.37
CA ALA A 51 -3.62 14.39 7.96
C ALA A 51 -3.63 13.31 9.05
N ASN A 52 -4.72 13.26 9.82
CA ASN A 52 -4.89 12.30 10.95
C ASN A 52 -4.96 10.87 10.40
N ILE A 53 -5.64 10.68 9.27
CA ILE A 53 -5.75 9.37 8.57
C ILE A 53 -4.36 8.96 8.05
N SER A 54 -3.59 9.91 7.52
CA SER A 54 -2.20 9.63 7.05
C SER A 54 -1.36 9.07 8.20
N ALA A 55 -1.50 9.63 9.40
CA ALA A 55 -0.80 9.18 10.62
C ALA A 55 -1.19 7.71 10.90
N VAL A 56 -2.48 7.40 10.81
CA VAL A 56 -2.99 6.02 11.01
C VAL A 56 -2.34 5.08 10.00
N VAL A 57 -2.25 5.50 8.73
CA VAL A 57 -1.65 4.66 7.65
C VAL A 57 -0.16 4.50 7.93
N MET A 58 0.53 5.54 8.42
CA MET A 58 1.99 5.46 8.72
C MET A 58 2.23 4.37 9.76
N VAL A 59 1.41 4.32 10.82
CA VAL A 59 1.56 3.34 11.93
C VAL A 59 1.24 1.94 11.39
N SER A 60 0.13 1.82 10.65
CA SER A 60 -0.27 0.55 9.98
C SER A 60 0.89 0.03 9.13
N ALA A 61 1.48 0.89 8.30
CA ALA A 61 2.54 0.55 7.32
C ALA A 61 3.84 0.17 8.06
N ALA A 62 4.15 0.87 9.16
CA ALA A 62 5.34 0.61 10.00
C ALA A 62 5.26 -0.81 10.57
N LEU A 63 4.06 -1.21 11.04
CA LEU A 63 3.80 -2.56 11.61
C LEU A 63 3.82 -3.61 10.49
N GLU A 64 3.21 -3.30 9.35
CA GLU A 64 3.27 -4.11 8.10
C GLU A 64 4.71 -4.51 7.80
N LEU A 65 5.56 -3.49 7.55
CA LEU A 65 6.95 -3.67 7.04
C LEU A 65 7.83 -4.19 8.18
N GLY A 66 7.55 -3.79 9.42
CA GLY A 66 8.20 -4.33 10.62
C GLY A 66 8.00 -5.83 10.72
N GLN A 67 6.77 -6.31 10.52
CA GLN A 67 6.45 -7.76 10.53
C GLN A 67 7.22 -8.47 9.41
N LEU A 68 7.25 -7.89 8.21
CA LEU A 68 8.00 -8.47 7.06
C LEU A 68 9.49 -8.56 7.43
N TRP A 69 10.05 -7.53 8.07
CA TRP A 69 11.47 -7.54 8.50
C TRP A 69 11.73 -8.72 9.46
N LEU A 70 10.84 -8.90 10.44
CA LEU A 70 10.95 -9.98 11.47
C LEU A 70 10.80 -11.35 10.80
N LEU A 71 9.80 -11.51 9.93
CA LEU A 71 9.52 -12.78 9.22
C LEU A 71 10.69 -13.14 8.30
N TRP A 72 11.29 -12.14 7.65
CA TRP A 72 12.44 -12.32 6.73
C TRP A 72 13.65 -12.86 7.52
N ASN A 73 13.92 -12.27 8.68
CA ASN A 73 15.05 -12.64 9.57
C ASN A 73 14.83 -14.06 10.12
N GLU A 74 13.60 -14.38 10.50
CA GLU A 74 13.22 -15.64 11.20
C GLU A 74 13.10 -16.81 10.21
N SER A 75 12.74 -16.55 8.95
CA SER A 75 12.31 -17.58 7.97
C SER A 75 13.51 -18.16 7.20
N PHE A 76 14.69 -17.55 7.32
CA PHE A 76 15.94 -17.97 6.63
C PHE A 76 17.09 -18.05 7.63
N GLN A 77 18.03 -18.95 7.37
CA GLN A 77 19.22 -19.22 8.22
C GLN A 77 20.47 -19.22 7.34
N TRP A 78 21.53 -18.57 7.78
CA TRP A 78 22.86 -18.61 7.11
C TRP A 78 23.37 -20.05 7.12
N ALA A 79 23.70 -20.60 5.95
CA ALA A 79 24.38 -21.90 5.78
C ALA A 79 25.83 -21.63 5.36
N GLU A 80 26.77 -21.78 6.29
CA GLU A 80 28.19 -21.40 6.13
C GLU A 80 28.81 -22.10 4.91
N LEU A 81 28.53 -23.40 4.73
CA LEU A 81 29.13 -24.23 3.66
C LEU A 81 28.59 -23.79 2.30
N GLN A 82 27.37 -23.25 2.25
CA GLN A 82 26.70 -22.79 1.00
C GLN A 82 27.03 -21.32 0.75
N GLY A 83 27.32 -20.56 1.82
CA GLY A 83 27.53 -19.10 1.75
C GLY A 83 26.26 -18.39 1.30
N SER A 84 25.11 -18.89 1.76
N SER A 84 25.10 -18.87 1.75
CA SER A 84 23.76 -18.37 1.41
CA SER A 84 23.78 -18.29 1.42
C SER A 84 22.84 -18.41 2.64
C SER A 84 22.83 -18.44 2.60
N PHE A 85 21.78 -17.61 2.62
CA PHE A 85 20.61 -17.75 3.52
C PHE A 85 19.67 -18.75 2.85
N VAL A 86 19.28 -19.80 3.59
CA VAL A 86 18.42 -20.90 3.08
C VAL A 86 17.15 -20.94 3.91
N PRO A 87 16.01 -21.38 3.31
CA PRO A 87 14.74 -21.43 4.03
C PRO A 87 14.83 -22.35 5.25
N VAL A 88 14.29 -21.89 6.37
CA VAL A 88 14.16 -22.70 7.62
C VAL A 88 12.86 -23.51 7.51
N ALA A 89 12.91 -24.80 7.81
CA ALA A 89 11.73 -25.69 7.85
C ALA A 89 10.79 -25.20 8.97
N GLY A 90 9.49 -25.15 8.68
CA GLY A 90 8.43 -24.80 9.66
C GLY A 90 8.22 -23.29 9.76
N GLU A 91 9.23 -22.51 9.37
CA GLU A 91 9.18 -21.03 9.35
C GLU A 91 8.97 -20.56 7.90
N ARG A 92 7.78 -20.04 7.59
CA ARG A 92 7.39 -19.61 6.23
C ARG A 92 7.28 -18.09 6.18
N PHE A 93 7.91 -17.47 5.18
CA PHE A 93 7.73 -16.05 4.81
C PHE A 93 6.68 -15.98 3.70
N SER A 94 5.79 -15.01 3.77
CA SER A 94 4.79 -14.69 2.71
C SER A 94 4.52 -13.19 2.69
N ASN A 95 4.64 -12.59 1.50
N ASN A 95 4.61 -12.56 1.51
CA ASN A 95 4.14 -11.23 1.19
CA ASN A 95 4.16 -11.15 1.35
C ASN A 95 2.67 -11.15 1.62
C ASN A 95 2.64 -11.13 1.51
N GLY A 96 2.00 -12.31 1.63
CA GLY A 96 0.57 -12.44 1.95
C GLY A 96 0.24 -11.79 3.28
N TYR A 97 1.20 -11.76 4.20
CA TYR A 97 1.06 -11.14 5.54
C TYR A 97 0.71 -9.65 5.42
N ARG A 98 1.18 -8.98 4.36
N ARG A 98 1.23 -8.97 4.38
CA ARG A 98 1.01 -7.51 4.19
CA ARG A 98 0.99 -7.53 4.13
C ARG A 98 -0.45 -7.21 3.84
C ARG A 98 -0.51 -7.27 4.03
N TYR A 99 -1.23 -8.21 3.42
CA TYR A 99 -2.65 -8.05 3.01
C TYR A 99 -3.52 -7.68 4.21
N MET A 100 -3.20 -8.21 5.40
CA MET A 100 -4.00 -7.96 6.63
C MET A 100 -4.10 -6.44 6.89
N ASN A 101 -2.97 -5.73 6.85
CA ASN A 101 -2.91 -4.29 7.22
C ASN A 101 -3.42 -3.44 6.05
N TRP A 102 -3.52 -3.99 4.85
CA TRP A 102 -4.19 -3.31 3.71
C TRP A 102 -5.66 -3.06 4.08
N LEU A 103 -6.25 -3.90 4.94
CA LEU A 103 -7.64 -3.75 5.42
C LEU A 103 -7.79 -2.37 6.09
N ILE A 104 -6.70 -1.84 6.64
CA ILE A 104 -6.63 -0.45 7.18
C ILE A 104 -6.23 0.50 6.06
N ASP A 105 -5.08 0.25 5.43
CA ASP A 105 -4.43 1.19 4.47
C ASP A 105 -5.43 1.56 3.36
N VAL A 106 -6.05 0.58 2.73
CA VAL A 106 -6.78 0.76 1.44
C VAL A 106 -8.02 1.63 1.67
N PRO A 107 -8.95 1.25 2.58
CA PRO A 107 -10.12 2.09 2.87
C PRO A 107 -9.76 3.50 3.37
N MET A 108 -8.67 3.62 4.15
CA MET A 108 -8.26 4.92 4.75
C MET A 108 -7.69 5.85 3.68
N LEU A 109 -6.77 5.35 2.83
CA LEU A 109 -6.14 6.14 1.74
C LEU A 109 -7.23 6.68 0.81
N ALA A 110 -8.20 5.83 0.46
CA ALA A 110 -9.34 6.18 -0.42
C ALA A 110 -10.20 7.25 0.29
N THR A 111 -10.51 7.03 1.57
CA THR A 111 -11.43 7.90 2.33
C THR A 111 -10.81 9.29 2.49
N GLN A 112 -9.51 9.38 2.78
CA GLN A 112 -8.87 10.71 3.02
C GLN A 112 -8.95 11.52 1.73
N LEU A 113 -8.86 10.89 0.55
CA LEU A 113 -9.04 11.62 -0.73
C LEU A 113 -10.44 12.24 -0.77
N VAL A 114 -11.46 11.47 -0.37
CA VAL A 114 -12.88 11.91 -0.34
C VAL A 114 -13.02 13.09 0.65
N VAL A 115 -12.31 13.03 1.77
CA VAL A 115 -12.33 14.11 2.81
C VAL A 115 -11.84 15.42 2.17
N VAL A 116 -10.73 15.38 1.43
CA VAL A 116 -10.11 16.61 0.87
C VAL A 116 -10.98 17.10 -0.30
N CYS A 117 -11.75 16.21 -0.92
CA CYS A 117 -12.76 16.56 -1.96
C CYS A 117 -13.87 17.39 -1.32
N GLY A 118 -14.01 17.32 0.01
CA GLY A 118 -14.88 18.20 0.81
C GLY A 118 -16.21 17.56 1.16
N PHE A 119 -16.34 16.24 1.00
CA PHE A 119 -17.56 15.50 1.41
C PHE A 119 -17.59 15.43 2.94
N VAL A 120 -18.79 15.64 3.51
CA VAL A 120 -19.02 15.68 4.99
C VAL A 120 -20.25 14.85 5.33
N GLY A 121 -20.43 14.54 6.61
CA GLY A 121 -21.64 13.88 7.14
C GLY A 121 -21.97 12.62 6.35
N THR A 122 -23.25 12.47 5.97
CA THR A 122 -23.81 11.27 5.31
C THR A 122 -23.10 11.01 3.98
N GLU A 123 -22.83 12.07 3.21
CA GLU A 123 -22.19 11.97 1.87
C GLU A 123 -20.79 11.37 2.02
N LEU A 124 -20.06 11.76 3.07
CA LEU A 124 -18.72 11.20 3.37
C LEU A 124 -18.88 9.75 3.84
N ARG A 125 -19.82 9.48 4.76
CA ARG A 125 -20.00 8.16 5.39
C ARG A 125 -20.47 7.13 4.36
N ASN A 126 -21.35 7.53 3.42
CA ASN A 126 -21.83 6.65 2.33
C ASN A 126 -20.64 6.19 1.47
N ARG A 127 -19.71 7.11 1.18
CA ARG A 127 -18.55 6.85 0.29
C ARG A 127 -17.54 5.99 1.05
N TRP A 128 -17.26 6.33 2.31
CA TRP A 128 -16.37 5.55 3.21
C TRP A 128 -16.88 4.09 3.26
N ALA A 129 -18.19 3.91 3.48
CA ALA A 129 -18.84 2.59 3.59
C ALA A 129 -18.59 1.79 2.30
N LYS A 130 -18.87 2.39 1.14
CA LYS A 130 -18.72 1.74 -0.19
C LYS A 130 -17.24 1.42 -0.44
N LEU A 131 -16.33 2.34 -0.13
CA LEU A 131 -14.88 2.13 -0.34
C LEU A 131 -14.39 1.01 0.59
N THR A 132 -14.94 0.92 1.80
CA THR A 132 -14.55 -0.13 2.78
C THR A 132 -15.04 -1.48 2.29
N ILE A 133 -16.30 -1.58 1.83
CA ILE A 133 -16.87 -2.85 1.28
C ILE A 133 -16.02 -3.31 0.08
N ALA A 134 -15.81 -2.42 -0.90
CA ALA A 134 -15.05 -2.71 -2.14
C ALA A 134 -13.61 -3.09 -1.79
N GLY A 135 -13.00 -2.32 -0.87
CA GLY A 135 -11.60 -2.48 -0.46
C GLY A 135 -11.36 -3.80 0.25
N VAL A 136 -12.20 -4.12 1.24
CA VAL A 136 -12.09 -5.38 2.03
C VAL A 136 -12.25 -6.58 1.05
N LEU A 137 -13.25 -6.52 0.18
CA LEU A 137 -13.53 -7.61 -0.79
C LEU A 137 -12.35 -7.72 -1.76
N MET A 138 -11.80 -6.59 -2.23
CA MET A 138 -10.60 -6.59 -3.11
C MET A 138 -9.47 -7.35 -2.42
N ILE A 139 -9.21 -7.05 -1.14
CA ILE A 139 -8.05 -7.59 -0.39
C ILE A 139 -8.29 -9.06 -0.07
N LEU A 140 -9.49 -9.42 0.39
CA LEU A 140 -9.83 -10.82 0.76
C LEU A 140 -9.74 -11.71 -0.48
N THR A 141 -10.30 -11.28 -1.62
CA THR A 141 -10.28 -12.06 -2.89
C THR A 141 -8.83 -12.16 -3.39
N GLY A 142 -8.07 -11.06 -3.35
CA GLY A 142 -6.65 -11.03 -3.70
C GLY A 142 -5.86 -12.01 -2.83
N TYR A 143 -6.16 -12.06 -1.53
CA TYR A 143 -5.46 -12.94 -0.57
C TYR A 143 -5.63 -14.39 -1.01
N VAL A 144 -6.86 -14.77 -1.40
CA VAL A 144 -7.17 -16.17 -1.86
C VAL A 144 -6.31 -16.46 -3.09
N GLY A 145 -6.26 -15.54 -4.06
CA GLY A 145 -5.47 -15.70 -5.30
C GLY A 145 -3.99 -15.91 -5.04
N GLN A 146 -3.36 -15.07 -4.22
CA GLN A 146 -1.89 -15.09 -3.96
C GLN A 146 -1.53 -16.38 -3.19
N TYR A 147 -2.51 -17.00 -2.54
CA TYR A 147 -2.32 -18.26 -1.77
C TYR A 147 -1.71 -19.33 -2.70
N PHE A 148 -1.99 -19.23 -4.00
CA PHE A 148 -1.65 -20.25 -5.02
C PHE A 148 -0.53 -19.78 -5.94
N GLU A 149 0.27 -18.78 -5.55
CA GLU A 149 1.33 -18.23 -6.43
C GLU A 149 2.43 -19.27 -6.65
N PRO A 150 2.71 -20.19 -5.70
CA PRO A 150 3.70 -21.24 -5.93
C PRO A 150 3.38 -22.09 -7.17
N ALA A 151 2.12 -22.49 -7.33
CA ALA A 151 1.62 -23.25 -8.51
C ALA A 151 1.82 -22.40 -9.77
N VAL A 152 1.58 -21.10 -9.68
CA VAL A 152 1.71 -20.16 -10.84
C VAL A 152 3.19 -20.08 -11.25
N ALA A 153 4.09 -20.10 -10.27
CA ALA A 153 5.56 -19.97 -10.47
C ALA A 153 6.14 -21.32 -10.90
N GLY A 154 5.33 -22.37 -10.90
CA GLY A 154 5.73 -23.73 -11.29
C GLY A 154 6.63 -24.38 -10.25
N VAL A 155 6.45 -24.03 -8.98
CA VAL A 155 7.15 -24.67 -7.83
C VAL A 155 6.67 -26.12 -7.74
N PRO A 156 7.58 -27.12 -7.90
CA PRO A 156 7.18 -28.52 -7.99
C PRO A 156 6.27 -28.95 -6.83
N GLY A 157 5.19 -29.67 -7.17
CA GLY A 157 4.26 -30.29 -6.20
C GLY A 157 3.05 -29.41 -5.89
N TYR A 158 3.02 -28.18 -6.41
CA TYR A 158 1.98 -27.17 -6.07
C TYR A 158 0.99 -27.04 -7.22
N GLU A 159 -0.31 -27.00 -6.88
CA GLU A 159 -1.44 -26.94 -7.83
C GLU A 159 -2.33 -25.74 -7.49
N GLY A 160 -3.37 -25.50 -8.31
CA GLY A 160 -4.38 -24.45 -8.08
C GLY A 160 -4.02 -23.13 -8.75
N ALA A 161 -3.15 -23.17 -9.77
CA ALA A 161 -2.70 -21.98 -10.53
C ALA A 161 -3.93 -21.22 -11.07
N GLU A 162 -5.03 -21.93 -11.35
CA GLU A 162 -6.26 -21.32 -11.92
C GLU A 162 -6.88 -20.36 -10.90
N GLN A 163 -6.73 -20.65 -9.60
CA GLN A 163 -7.25 -19.82 -8.50
C GLN A 163 -6.61 -18.42 -8.53
N PHE A 164 -5.33 -18.35 -8.88
CA PHE A 164 -4.54 -17.10 -8.99
C PHE A 164 -5.25 -16.15 -9.99
N TRP A 165 -5.71 -16.70 -11.11
CA TRP A 165 -6.40 -15.96 -12.20
C TRP A 165 -7.85 -15.66 -11.80
N ILE A 166 -8.59 -16.66 -11.32
CA ILE A 166 -10.02 -16.50 -10.95
C ILE A 166 -10.13 -15.38 -9.91
N TRP A 167 -9.41 -15.50 -8.79
CA TRP A 167 -9.54 -14.57 -7.65
C TRP A 167 -8.81 -13.26 -7.95
N GLY A 168 -7.73 -13.31 -8.75
CA GLY A 168 -7.01 -12.12 -9.22
C GLY A 168 -7.92 -11.21 -10.02
N ILE A 169 -8.73 -11.79 -10.91
CA ILE A 169 -9.67 -11.05 -11.81
C ILE A 169 -10.84 -10.52 -10.98
N ILE A 170 -11.33 -11.31 -10.03
CA ILE A 170 -12.40 -10.88 -9.08
C ILE A 170 -11.91 -9.65 -8.32
N SER A 171 -10.69 -9.72 -7.75
CA SER A 171 -10.05 -8.64 -6.97
C SER A 171 -9.97 -7.37 -7.83
N THR A 172 -9.54 -7.52 -9.08
CA THR A 172 -9.37 -6.41 -10.05
C THR A 172 -10.71 -5.70 -10.26
N ALA A 173 -11.81 -6.44 -10.33
CA ALA A 173 -13.18 -5.88 -10.48
C ALA A 173 -13.47 -4.97 -9.29
N PHE A 174 -13.11 -5.39 -8.07
CA PHE A 174 -13.33 -4.60 -6.83
C PHE A 174 -12.45 -3.34 -6.86
N PHE A 175 -11.20 -3.47 -7.34
CA PHE A 175 -10.25 -2.35 -7.55
C PHE A 175 -10.94 -1.30 -8.43
N VAL A 176 -11.46 -1.73 -9.58
CA VAL A 176 -12.11 -0.83 -10.58
C VAL A 176 -13.30 -0.12 -9.91
N TRP A 177 -14.07 -0.83 -9.08
CA TRP A 177 -15.22 -0.23 -8.34
C TRP A 177 -14.70 0.91 -7.45
N MET A 178 -13.65 0.67 -6.67
CA MET A 178 -13.03 1.72 -5.81
C MET A 178 -12.61 2.93 -6.66
N LEU A 179 -11.94 2.67 -7.79
CA LEU A 179 -11.45 3.75 -8.70
C LEU A 179 -12.64 4.58 -9.21
N LEU A 180 -13.77 3.94 -9.53
CA LEU A 180 -14.97 4.64 -10.06
C LEU A 180 -15.59 5.50 -8.96
N ILE A 181 -15.67 4.99 -7.73
CA ILE A 181 -16.14 5.77 -6.54
C ILE A 181 -15.27 7.03 -6.42
N LEU A 182 -13.94 6.85 -6.48
CA LEU A 182 -12.97 7.95 -6.25
C LEU A 182 -13.00 8.92 -7.43
N ALA A 183 -13.11 8.42 -8.67
CA ALA A 183 -13.20 9.25 -9.90
C ALA A 183 -14.41 10.19 -9.76
N ASN A 184 -15.53 9.66 -9.30
CA ASN A 184 -16.79 10.43 -9.11
C ASN A 184 -16.56 11.52 -8.07
N ALA A 185 -15.85 11.22 -6.99
CA ALA A 185 -15.55 12.15 -5.88
C ALA A 185 -14.72 13.33 -6.38
N VAL A 186 -13.61 13.06 -7.09
CA VAL A 186 -12.64 14.11 -7.52
C VAL A 186 -13.25 14.93 -8.66
N ARG A 187 -14.21 14.38 -9.39
CA ARG A 187 -14.93 15.10 -10.47
C ARG A 187 -15.98 16.03 -9.86
N ASN A 188 -16.43 15.75 -8.63
CA ASN A 188 -17.55 16.45 -7.97
C ASN A 188 -17.13 16.98 -6.60
N PRO A 189 -16.01 17.73 -6.51
CA PRO A 189 -15.56 18.27 -5.22
C PRO A 189 -16.63 19.21 -4.65
N GLN A 190 -16.76 19.25 -3.32
CA GLN A 190 -17.72 20.10 -2.59
C GLN A 190 -17.07 21.45 -2.27
N GLY A 191 -17.89 22.46 -1.98
CA GLY A 191 -17.47 23.85 -1.77
C GLY A 191 -17.29 24.55 -3.09
N ALA A 192 -16.45 25.57 -3.14
CA ALA A 192 -16.11 26.32 -4.36
C ALA A 192 -14.60 26.29 -4.54
N PRO A 193 -14.02 25.12 -4.86
CA PRO A 193 -12.57 25.02 -5.04
C PRO A 193 -12.14 25.85 -6.26
N SER A 194 -10.95 26.45 -6.19
CA SER A 194 -10.26 27.09 -7.34
C SER A 194 -10.08 26.03 -8.43
N ASP A 195 -9.79 26.47 -9.66
CA ASP A 195 -9.44 25.56 -10.79
C ASP A 195 -8.17 24.79 -10.43
N GLU A 196 -7.27 25.42 -9.67
CA GLU A 196 -5.99 24.81 -9.21
C GLU A 196 -6.31 23.62 -8.31
N VAL A 197 -7.21 23.80 -7.33
CA VAL A 197 -7.63 22.71 -6.40
C VAL A 197 -8.28 21.59 -7.22
N ARG A 198 -9.22 21.92 -8.12
CA ARG A 198 -9.91 20.94 -8.99
C ARG A 198 -8.86 20.08 -9.72
N SER A 199 -7.85 20.71 -10.30
CA SER A 199 -6.77 20.06 -11.06
C SER A 199 -5.93 19.17 -10.14
N ARG A 200 -5.59 19.68 -8.96
CA ARG A 200 -4.71 18.98 -7.99
C ARG A 200 -5.45 17.76 -7.40
N LEU A 201 -6.77 17.87 -7.18
CA LEU A 201 -7.60 16.73 -6.69
C LEU A 201 -7.57 15.59 -7.72
N LYS A 202 -7.71 15.93 -9.01
CA LYS A 202 -7.64 14.96 -10.14
C LYS A 202 -6.24 14.34 -10.18
N PHE A 203 -5.19 15.13 -9.97
CA PHE A 203 -3.79 14.62 -9.92
C PHE A 203 -3.70 13.55 -8.82
N CYS A 204 -4.26 13.85 -7.65
CA CYS A 204 -4.25 12.94 -6.47
C CYS A 204 -4.94 11.61 -6.82
N PHE A 205 -6.07 11.67 -7.53
CA PHE A 205 -6.80 10.44 -7.96
C PHE A 205 -5.89 9.58 -8.84
N TRP A 206 -5.27 10.21 -9.84
CA TRP A 206 -4.46 9.47 -10.85
C TRP A 206 -3.19 8.96 -10.20
N PHE A 207 -2.65 9.69 -9.21
CA PHE A 207 -1.47 9.27 -8.42
C PHE A 207 -1.83 8.01 -7.61
N LEU A 208 -3.01 8.02 -6.99
CA LEU A 208 -3.56 6.83 -6.26
C LEU A 208 -3.70 5.68 -7.26
N LEU A 209 -4.33 5.91 -8.41
CA LEU A 209 -4.55 4.84 -9.42
C LEU A 209 -3.20 4.25 -9.87
N ALA A 210 -2.23 5.11 -10.16
CA ALA A 210 -0.88 4.71 -10.64
C ALA A 210 -0.17 3.85 -9.59
N THR A 211 -0.11 4.31 -8.34
CA THR A 211 0.66 3.64 -7.25
C THR A 211 -0.06 2.35 -6.84
N TRP A 212 -1.39 2.36 -6.77
CA TRP A 212 -2.18 1.16 -6.41
C TRP A 212 -1.99 0.08 -7.47
N SER A 213 -1.84 0.48 -8.74
CA SER A 213 -1.71 -0.44 -9.90
C SER A 213 -0.42 -1.25 -9.78
N ILE A 214 0.54 -0.79 -8.98
CA ILE A 214 1.83 -1.53 -8.77
C ILE A 214 1.55 -2.79 -7.95
N TYR A 215 0.49 -2.83 -7.14
CA TYR A 215 0.22 -3.98 -6.24
C TYR A 215 -0.19 -5.20 -7.06
N PRO A 216 -1.12 -5.09 -8.04
CA PRO A 216 -1.41 -6.23 -8.91
C PRO A 216 -0.21 -6.67 -9.76
N PHE A 217 0.70 -5.74 -10.06
CA PHE A 217 1.95 -6.04 -10.81
C PHE A 217 2.83 -6.94 -9.94
N ALA A 218 3.01 -6.60 -8.67
CA ALA A 218 3.77 -7.38 -7.67
C ALA A 218 3.10 -8.75 -7.47
N TYR A 219 1.77 -8.78 -7.43
CA TYR A 219 0.94 -10.02 -7.35
C TYR A 219 1.30 -10.96 -8.50
N ALA A 220 1.58 -10.41 -9.68
CA ALA A 220 1.76 -11.15 -10.96
C ALA A 220 3.19 -11.68 -11.12
N MET A 221 4.14 -11.24 -10.30
CA MET A 221 5.59 -11.53 -10.49
C MET A 221 5.85 -13.04 -10.51
N PRO A 222 5.12 -13.87 -9.74
CA PRO A 222 5.26 -15.33 -9.84
C PRO A 222 5.09 -15.91 -11.27
N LEU A 223 4.33 -15.22 -12.12
CA LEU A 223 4.18 -15.55 -13.57
C LEU A 223 5.56 -15.61 -14.23
N PHE A 224 6.51 -14.79 -13.76
CA PHE A 224 7.87 -14.64 -14.35
C PHE A 224 8.83 -15.68 -13.74
N ALA A 225 8.30 -16.62 -12.95
CA ALA A 225 9.05 -17.75 -12.35
C ALA A 225 10.42 -17.27 -11.86
N PRO A 226 10.45 -16.30 -10.91
CA PRO A 226 11.70 -15.62 -10.57
C PRO A 226 12.71 -16.50 -9.82
N THR A 227 13.99 -16.19 -10.01
CA THR A 227 15.14 -16.59 -9.17
C THR A 227 15.23 -15.63 -7.98
N ALA A 228 16.22 -15.81 -7.11
CA ALA A 228 16.49 -14.90 -5.97
C ALA A 228 16.57 -13.46 -6.48
N ASP A 229 17.17 -13.23 -7.64
CA ASP A 229 17.33 -11.88 -8.25
C ASP A 229 15.95 -11.28 -8.56
N GLY A 230 15.04 -12.08 -9.11
CA GLY A 230 13.66 -11.69 -9.41
C GLY A 230 12.89 -11.35 -8.16
N VAL A 231 13.19 -12.03 -7.06
CA VAL A 231 12.55 -11.78 -5.72
C VAL A 231 13.05 -10.43 -5.21
N VAL A 232 14.35 -10.12 -5.37
CA VAL A 232 14.89 -8.77 -5.02
C VAL A 232 14.08 -7.72 -5.78
N VAL A 233 13.91 -7.90 -7.09
CA VAL A 233 13.12 -6.97 -7.96
C VAL A 233 11.71 -6.82 -7.39
N ARG A 234 11.07 -7.95 -7.04
CA ARG A 234 9.66 -7.94 -6.55
C ARG A 234 9.56 -7.10 -5.27
N GLN A 235 10.51 -7.25 -4.35
CA GLN A 235 10.45 -6.56 -3.03
C GLN A 235 10.79 -5.08 -3.22
N VAL A 236 11.63 -4.74 -4.21
CA VAL A 236 11.89 -3.32 -4.61
C VAL A 236 10.59 -2.72 -5.15
N ILE A 237 9.88 -3.46 -6.01
CA ILE A 237 8.57 -3.05 -6.58
C ILE A 237 7.60 -2.74 -5.44
N TYR A 238 7.47 -3.65 -4.47
CA TYR A 238 6.60 -3.46 -3.28
C TYR A 238 7.02 -2.21 -2.51
N THR A 239 8.32 -1.98 -2.33
CA THR A 239 8.85 -0.82 -1.56
C THR A 239 8.45 0.49 -2.25
N VAL A 240 8.61 0.57 -3.58
CA VAL A 240 8.19 1.76 -4.37
C VAL A 240 6.67 1.96 -4.19
N ALA A 241 5.90 0.87 -4.29
CA ALA A 241 4.43 0.88 -4.13
C ALA A 241 4.07 1.42 -2.74
N ASP A 242 4.66 0.85 -1.69
CA ASP A 242 4.34 1.17 -0.27
C ASP A 242 4.65 2.65 0.00
N VAL A 243 5.89 3.08 -0.28
CA VAL A 243 6.35 4.47 0.01
C VAL A 243 5.52 5.46 -0.82
N SER A 244 5.30 5.18 -2.10
CA SER A 244 4.59 6.11 -3.03
C SER A 244 3.10 6.19 -2.67
N SER A 245 2.43 5.05 -2.49
CA SER A 245 0.96 4.97 -2.26
C SER A 245 0.58 5.54 -0.89
N LYR A 246 1.47 5.39 0.10
CA LYR A 246 1.10 5.74 1.46
C LYR A 246 1.68 7.12 1.84
O LYR A 246 0.93 8.03 2.19
CB LYR A 246 1.55 4.66 2.45
CG LYR A 246 0.90 3.30 2.26
CD LYR A 246 1.40 2.26 3.23
CE LYR A 246 1.52 0.87 2.61
NZ LYR A 246 0.19 0.29 2.37
C1 LYR A 246 -0.34 0.59 1.05
C2 LYR A 246 -1.28 -0.47 0.54
C3 LYR A 246 -2.01 -0.35 -0.59
C4 LYR A 246 -2.24 0.93 -1.27
C5 LYR A 246 -2.55 -1.52 -1.19
C6 LYR A 246 -3.20 -1.67 -2.39
C7 LYR A 246 -3.58 -2.88 -2.92
C80 LYR A 246 -4.19 -3.17 -4.15
C8 LYR A 246 -4.64 -2.04 -4.98
C9 LYR A 246 -4.33 -4.50 -4.56
C10 LYR A 246 -4.96 -4.92 -5.69
C11 LYR A 246 -5.01 -6.26 -6.21
C12 LYR A 246 -5.52 -6.46 -7.45
C13 LYR A 246 -6.14 -5.37 -8.27
C14 LYR A 246 -5.52 -7.79 -8.14
C15 LYR A 246 -4.63 -8.83 -7.48
C16 LYR A 246 -4.80 -8.79 -6.00
C17 LYR A 246 -4.49 -7.43 -5.37
C18 LYR A 246 -5.15 -7.43 -3.99
C19 LYR A 246 -2.98 -7.34 -5.20
N LEU A 247 3.01 7.25 1.77
CA LEU A 247 3.68 8.44 2.27
C LEU A 247 3.70 9.55 1.21
N VAL A 248 4.18 9.28 0.00
CA VAL A 248 4.25 10.32 -1.06
C VAL A 248 2.82 10.84 -1.33
N PHE A 249 1.86 9.93 -1.53
CA PHE A 249 0.43 10.29 -1.72
C PHE A 249 -0.03 11.17 -0.56
N GLY A 250 0.25 10.73 0.68
CA GLY A 250 -0.12 11.46 1.91
C GLY A 250 0.39 12.88 1.90
N VAL A 251 1.65 13.09 1.52
CA VAL A 251 2.31 14.42 1.50
C VAL A 251 1.65 15.27 0.41
N ILE A 252 1.48 14.72 -0.79
CA ILE A 252 0.84 15.43 -1.94
C ILE A 252 -0.57 15.85 -1.54
N LEU A 253 -1.34 14.93 -0.96
CA LEU A 253 -2.74 15.19 -0.54
C LEU A 253 -2.75 16.26 0.56
N SER A 254 -1.84 16.18 1.52
CA SER A 254 -1.75 17.15 2.66
C SER A 254 -1.57 18.56 2.11
N GLN A 255 -0.82 18.71 1.01
CA GLN A 255 -0.50 20.03 0.39
C GLN A 255 -1.75 20.56 -0.31
N VAL A 256 -2.57 19.69 -0.90
CA VAL A 256 -3.88 20.08 -1.51
C VAL A 256 -4.82 20.54 -0.39
N ALA A 257 -4.86 19.81 0.73
CA ALA A 257 -5.67 20.14 1.92
C ALA A 257 -5.23 21.50 2.47
N LEU A 258 -3.92 21.79 2.50
CA LEU A 258 -3.40 23.12 2.94
C LEU A 258 -3.90 24.21 1.99
N ARG A 259 -3.86 23.97 0.68
CA ARG A 259 -4.30 24.94 -0.34
C ARG A 259 -5.79 25.22 -0.16
N ARG A 260 -6.60 24.18 0.01
CA ARG A 260 -8.07 24.31 0.25
C ARG A 260 -8.30 25.12 1.54
N SER A 261 -7.55 24.79 2.60
CA SER A 261 -7.61 25.49 3.91
C SER A 261 -7.33 26.99 3.70
N ALA A 262 -6.23 27.32 2.99
CA ALA A 262 -5.81 28.71 2.72
C ALA A 262 -6.89 29.43 1.91
N GLU A 263 -7.42 28.78 0.86
CA GLU A 263 -8.46 29.35 -0.03
C GLU A 263 -9.71 29.71 0.79
N GLU A 264 -9.97 28.95 1.86
CA GLU A 264 -11.19 29.08 2.69
C GLU A 264 -10.92 30.02 3.86
N GLY A 265 -9.72 30.61 3.93
CA GLY A 265 -9.37 31.70 4.86
C GLY A 265 -8.77 31.21 6.15
N PHE A 266 -8.22 29.99 6.19
CA PHE A 266 -7.51 29.46 7.38
C PHE A 266 -6.07 29.98 7.38
N GLU A 267 -5.80 30.97 8.24
CA GLU A 267 -4.55 31.79 8.23
C GLU A 267 -3.33 30.90 8.36
N PRO A 268 -3.29 29.95 9.32
CA PRO A 268 -2.10 29.11 9.51
C PRO A 268 -1.73 28.33 8.23
N ALA A 269 -2.72 28.06 7.37
CA ALA A 269 -2.53 27.36 6.07
C ALA A 269 -1.98 28.35 5.03
N ARG A 270 -2.41 29.60 5.07
CA ARG A 270 -1.91 30.68 4.17
C ARG A 270 -0.42 30.93 4.48
N VAL A 271 -0.08 31.04 5.77
CA VAL A 271 1.31 31.29 6.26
C VAL A 271 2.21 30.14 5.81
N ALA A 272 1.65 28.95 5.58
CA ALA A 272 2.36 27.73 5.11
C ALA A 272 1.93 27.41 3.67
C1 LFA B . 5.72 23.97 -0.09
C2 LFA B . 5.79 22.66 0.65
C3 LFA B . 6.15 21.48 -0.22
C4 LFA B . 5.86 20.13 0.39
C5 LFA B . 6.72 19.78 1.58
C6 LFA B . 7.23 18.35 1.58
C7 LFA B . 7.77 17.86 2.89
C8 LFA B . 7.47 16.41 3.18
C9 LFA B . 8.48 15.70 4.06
C10 LFA B . 8.18 14.25 4.31
C11 LFA B . 8.98 13.62 5.44
C12 LFA B . 9.01 12.12 5.43
C13 LFA B . 10.33 11.52 5.86
C14 LFA B . 11.17 10.95 4.74
C1 OLA C . -7.33 -26.24 -5.89
O1 OLA C . -7.32 -25.93 -7.10
O2 OLA C . -6.38 -26.79 -5.32
C2 OLA C . -8.57 -25.90 -5.08
C3 OLA C . -8.77 -24.45 -4.82
C4 OLA C . -9.94 -24.17 -3.90
C5 OLA C . -10.03 -22.74 -3.42
C6 OLA C . -11.22 -22.45 -2.54
C7 OLA C . -11.29 -21.02 -2.01
C8 OLA C . -12.57 -20.70 -1.29
C9 OLA C . -12.51 -19.43 -0.51
C10 OLA C . -13.52 -18.62 -0.29
C8 LFA D . 8.29 -13.26 14.24
C9 LFA D . 7.13 -12.65 13.48
C10 LFA D . 6.26 -11.73 14.30
C11 LFA D . 5.14 -11.07 13.53
C12 LFA D . 4.22 -10.20 14.37
C13 LFA D . 4.11 -8.77 13.91
C14 LFA D . 4.81 -7.77 14.81
C15 LFA D . 5.20 -6.48 14.14
C16 LFA D . 6.21 -5.68 14.93
C17 LFA D . 6.81 -4.53 14.18
C18 LFA D . 7.77 -3.69 15.01
C19 LFA D . 7.81 -2.23 14.63
C12 LFA E . 6.71 1.74 -11.58
C13 LFA E . 6.93 0.25 -11.38
C14 LFA E . 7.82 -0.10 -10.22
C15 LFA E . 9.28 0.21 -10.45
C16 LFA E . 10.22 -0.48 -9.49
C17 LFA E . 11.68 -0.28 -9.81
C18 LFA E . 12.46 -1.56 -9.92
C19 LFA E . 13.96 -1.38 -9.88
C20 LFA E . 14.71 -2.67 -9.64
C6 LFA F . -20.03 1.72 -17.00
C7 LFA F . -18.60 1.46 -16.61
C8 LFA F . -18.15 0.02 -16.82
C9 LFA F . -16.83 -0.32 -16.16
C10 LFA F . -16.72 -1.76 -15.71
C11 LFA F . -15.32 -2.20 -15.36
C12 LFA F . -15.04 -3.66 -15.57
C13 LFA F . -14.18 -4.31 -14.50
C14 LFA F . -13.11 -5.23 -15.04
C15 LFA F . -12.39 -6.01 -13.98
C16 LFA F . -11.62 -7.21 -14.50
C17 LFA F . -10.49 -6.87 -15.43
C1 LFA G . 4.06 21.33 15.57
C2 LFA G . 3.40 20.14 16.22
C3 LFA G . 4.25 19.44 17.25
C4 LFA G . 5.17 18.38 16.69
C5 LFA G . 4.61 16.98 16.77
C6 LFA G . 5.57 15.90 16.34
C7 LFA G . 5.52 14.65 17.18
C8 LFA G . 5.72 13.36 16.40
C9 LFA G . 4.45 12.69 15.96
C10 LFA G . 3.62 12.12 17.09
C11 LFA G . 3.47 10.62 17.05
C12 LFA G . 3.87 9.91 18.32
C13 LFA G . 3.11 8.63 18.60
C14 LFA G . 3.98 7.43 18.86
C15 LFA G . 3.39 6.11 18.40
C16 LFA G . 4.15 5.43 17.29
C17 LFA G . 3.78 3.99 17.06
C18 LFA G . 4.96 3.06 16.93
C19 LFA G . 4.78 1.92 15.97
C20 LFA G . 5.93 0.94 15.97
C4 LFA H . -17.39 -11.51 3.34
C5 LFA H . -17.01 -10.40 4.29
C6 LFA H . -16.74 -9.08 3.61
C7 LFA H . -17.83 -8.05 3.80
C8 LFA H . -17.44 -6.64 3.43
C9 LFA H . -16.74 -5.87 4.53
C10 LFA H . -17.68 -5.21 5.51
C11 LFA H . -17.36 -3.75 5.80
C12 LFA H . -18.54 -2.83 5.66
C13 LFA H . -18.44 -1.55 6.44
C14 LFA H . -19.60 -0.60 6.26
C1 LFA I . 5.65 17.48 -3.12
C2 LFA I . 5.78 15.99 -2.86
C3 LFA I . 6.69 15.66 -1.72
C4 LFA I . 7.45 14.37 -1.88
C5 LFA I . 7.41 13.46 -0.68
C6 LFA I . 8.62 12.59 -0.51
C7 LFA I . 8.87 12.14 0.92
C8 LFA I . 9.12 10.66 1.05
C9 LFA I . 10.18 10.11 0.12
C10 LFA I . 11.09 9.09 0.75
C11 LFA I . 11.88 8.27 -0.24
C1 OLA J . -11.26 11.83 -13.40
O1 OLA J . -11.94 12.25 -12.44
O2 OLA J . -10.59 12.58 -14.14
C2 OLA J . -11.24 10.33 -13.66
C3 OLA J . -11.88 9.90 -14.95
C4 OLA J . -12.50 8.51 -14.88
C5 OLA J . -11.49 7.40 -14.65
C6 OLA J . -12.10 6.04 -14.44
C7 OLA J . -11.10 4.96 -14.07
C8 OLA J . -11.70 3.59 -13.90
C9 OLA J . -10.88 2.51 -14.55
C10 OLA J . -9.64 2.23 -14.28
C11 OLA J . -8.75 1.35 -15.09
C12 OLA J . -7.46 0.98 -14.41
C13 OLA J . -7.41 -0.45 -13.91
C14 OLA J . -6.03 -0.95 -13.61
C15 OLA J . -5.97 -2.44 -13.37
C16 OLA J . -4.59 -2.99 -13.13
C17 OLA J . -4.51 -4.50 -13.17
C1 LFA K . 2.81 17.84 -9.47
C2 LFA K . 2.25 17.38 -8.15
C3 LFA K . 3.26 17.35 -7.03
C4 LFA K . 4.54 16.63 -7.34
C5 LFA K . 4.47 15.12 -7.17
C6 LFA K . 5.44 14.36 -8.03
C7 LFA K . 5.63 12.92 -7.63
C8 LFA K . 6.60 12.72 -6.49
C9 LFA K . 7.45 11.47 -6.60
C10 LFA K . 6.66 10.19 -6.71
C11 LFA K . 7.50 8.93 -6.72
C12 LFA K . 8.30 8.71 -5.47
C13 LFA K . 8.95 7.34 -5.38
C14 LFA K . 9.45 6.95 -4.01
C15 LFA K . 10.52 5.90 -4.02
C16 LFA K . 10.52 5.02 -2.79
C17 LFA K . 11.88 4.44 -2.46
C18 LFA K . 12.30 3.29 -3.35
C19 LFA K . 13.54 2.57 -2.89
C20 LFA K . 14.06 1.57 -3.89
C1 LFA L . 6.60 21.06 8.15
C2 LFA L . 7.71 20.28 7.51
C3 LFA L . 8.33 19.24 8.41
C4 LFA L . 9.47 18.48 7.80
C5 LFA L . 10.20 17.58 8.78
C6 LFA L . 9.45 16.34 9.15
C7 LFA L . 10.19 15.41 10.09
C8 LFA L . 11.23 14.56 9.42
C9 LFA L . 11.66 13.34 10.23
C10 LFA L . 12.43 13.68 11.48
C11 LFA L . 12.45 12.56 12.50
C1 LFA M . -5.00 -10.87 -12.53
C2 LFA M . -3.97 -10.08 -11.75
C3 LFA M . -3.57 -8.78 -12.39
C1 LFA N . 3.82 8.58 -12.32
C2 LFA N . 3.12 8.80 -10.99
C3 LFA N . 3.80 8.13 -9.83
C4 LFA N . 3.77 6.61 -9.88
C5 LFA N . 4.71 5.96 -8.88
C6 LFA N . 6.08 5.65 -9.41
C7 LFA N . 7.16 5.63 -8.36
C8 LFA N . 8.57 5.54 -8.91
C9 LFA N . 9.03 6.75 -9.66
C10 LFA N . 10.52 6.80 -9.91
C11 LFA N . 11.34 7.19 -8.70
C12 LFA N . 12.55 6.31 -8.47
C13 LFA N . 12.23 4.99 -7.83
C14 LFA N . 13.30 3.94 -7.99
C1 LFA O . -12.65 -14.54 0.57
C2 LFA O . -13.96 -14.64 -0.18
C3 LFA O . -14.55 -13.30 -0.57
C4 LFA O . -15.75 -13.39 -1.49
C5 LFA O . -16.05 -12.12 -2.24
C6 LFA O . -17.10 -12.27 -3.31
C7 LFA O . -18.51 -12.30 -2.80
C8 LFA O . -18.89 -11.11 -1.96
C9 LFA O . -20.35 -10.75 -1.99
C10 LFA O . -21.28 -11.93 -1.86
C11 LFA O . -22.73 -11.62 -2.17
C12 LFA P . 21.56 -6.95 -9.93
C13 LFA P . 20.12 -6.62 -10.25
C14 LFA P . 19.62 -5.36 -9.58
C15 LFA P . 18.13 -5.14 -9.68
C16 LFA P . 17.63 -3.93 -8.94
C17 LFA P . 18.10 -3.82 -7.51
C18 LFA P . 17.61 -2.59 -6.79
C19 LFA P . 18.18 -2.40 -5.40
C20 LFA P . 17.58 -1.23 -4.67
C13 LFA Q . -8.60 -13.13 -18.99
C14 LFA Q . -8.11 -14.43 -18.41
C15 LFA Q . -6.65 -14.72 -18.69
C16 LFA Q . -6.19 -16.08 -18.19
C17 LFA Q . -4.74 -16.37 -18.46
C18 LFA Q . -4.32 -17.80 -18.20
C19 LFA Q . -2.87 -18.09 -18.47
C20 LFA Q . -2.43 -19.46 -18.03
C1 LFA R . -10.98 9.73 -18.65
C2 LFA R . -11.09 8.27 -19.00
C3 LFA R . -9.88 7.46 -18.61
C4 LFA R . -9.97 5.99 -18.97
C5 LFA R . -8.66 5.25 -18.81
C6 LFA R . -8.37 4.78 -17.40
C7 LFA R . -7.06 4.03 -17.25
C8 LFA R . -7.04 2.68 -17.92
C9 LFA R . -5.76 1.89 -17.72
C2 LFA S . -10.56 -15.19 2.92
C3 LFA S . -9.86 -16.22 3.78
C4 LFA S . -9.83 -17.61 3.20
C5 LFA S . -8.56 -17.95 2.45
C6 LFA S . -8.52 -19.35 1.89
C7 LFA S . -7.26 -19.69 1.15
C8 LFA S . -7.30 -21.00 0.39
C9 LFA S . -7.51 -22.21 1.25
C10 LFA S . -7.71 -23.50 0.47
#